data_1QOZ
#
_entry.id   1QOZ
#
_cell.length_a   50.300
_cell.length_b   61.000
_cell.length_c   40.000
_cell.angle_alpha   107.70
_cell.angle_beta   113.50
_cell.angle_gamma   98.80
#
_symmetry.space_group_name_H-M   'P 1'
#
loop_
_entity.id
_entity.type
_entity.pdbx_description
1 polymer 'ACETYL XYLAN ESTERASE'
2 non-polymer 2-acetamido-2-deoxy-beta-D-glucopyranose
3 water water
#
_entity_poly.entity_id   1
_entity_poly.type   'polypeptide(L)'
_entity_poly.pdbx_seq_one_letter_code
;(PCA)CPAIHVFGARETTVSQGYGSSATVVNLVIQAHPGTTSEAIVYPACGGQASCGGISYANSVVNGTNAAAAAINNFH
NSCPDTQLVLVGYSQGAQIFDNALCGGGDPGEGITNTAVPLTAGAVSAVKAAIFMGDPRNIHGLPYNVGTCTTQGFDARP
AGFVCPSASKIKSYCDAADPYCCTGNDPNVHQGYGQEYGQQALAFINSQLS
;
_entity_poly.pdbx_strand_id   A,B
#
loop_
_chem_comp.id
_chem_comp.type
_chem_comp.name
_chem_comp.formula
NAG D-saccharide, beta linking 2-acetamido-2-deoxy-beta-D-glucopyranose 'C8 H15 N O6'
#
# COMPACT_ATOMS: atom_id res chain seq x y z
N PCA A 1 5.33 16.97 -5.30
CA PCA A 1 6.81 16.93 -5.54
CB PCA A 1 7.42 18.15 -4.86
CG PCA A 1 6.43 18.57 -3.83
CD PCA A 1 5.13 17.85 -4.10
OE PCA A 1 4.14 18.01 -3.39
C PCA A 1 7.39 15.66 -4.93
O PCA A 1 6.82 15.08 -4.01
N CYS A 2 8.53 15.23 -5.48
CA CYS A 2 9.19 14.04 -4.98
C CYS A 2 9.81 14.29 -3.59
N PRO A 3 9.83 13.26 -2.73
CA PRO A 3 10.39 13.40 -1.38
C PRO A 3 11.92 13.49 -1.44
N ALA A 4 12.52 14.03 -0.38
CA ALA A 4 13.98 14.14 -0.32
C ALA A 4 14.54 12.75 -0.06
N ILE A 5 13.80 11.98 0.74
CA ILE A 5 14.19 10.62 1.11
C ILE A 5 12.94 9.72 1.04
N HIS A 6 13.12 8.48 0.61
CA HIS A 6 12.02 7.53 0.54
C HIS A 6 12.51 6.18 1.08
N VAL A 7 11.74 5.62 2.00
CA VAL A 7 12.10 4.35 2.63
C VAL A 7 11.17 3.21 2.21
N PHE A 8 11.76 2.07 1.86
CA PHE A 8 10.99 0.90 1.47
C PHE A 8 11.08 -0.09 2.62
N GLY A 9 9.93 -0.54 3.12
CA GLY A 9 9.92 -1.48 4.22
C GLY A 9 9.33 -2.82 3.83
N ALA A 10 9.96 -3.90 4.27
CA ALA A 10 9.49 -5.25 3.97
C ALA A 10 9.34 -6.02 5.28
N ARG A 11 8.16 -6.58 5.50
CA ARG A 11 7.85 -7.31 6.74
C ARG A 11 8.36 -8.75 6.84
N GLU A 12 8.17 -9.33 8.03
CA GLU A 12 8.58 -10.70 8.31
C GLU A 12 7.45 -11.65 7.96
N THR A 13 7.76 -12.96 7.95
CA THR A 13 6.80 -13.99 7.63
C THR A 13 5.58 -14.02 8.57
N THR A 14 4.43 -14.36 7.99
CA THR A 14 3.13 -14.47 8.68
C THR A 14 2.46 -13.17 9.10
N VAL A 15 3.19 -12.07 9.05
CA VAL A 15 2.62 -10.77 9.42
C VAL A 15 1.75 -10.28 8.27
N SER A 16 0.62 -9.66 8.60
CA SER A 16 -0.30 -9.13 7.60
C SER A 16 0.36 -8.04 6.77
N GLN A 17 -0.14 -7.82 5.56
CA GLN A 17 0.40 -6.81 4.66
C GLN A 17 0.68 -5.47 5.34
N GLY A 18 1.94 -5.07 5.28
CA GLY A 18 2.35 -3.82 5.89
C GLY A 18 3.85 -3.80 6.09
N TYR A 19 4.31 -3.02 7.07
CA TYR A 19 5.73 -2.92 7.37
C TYR A 19 6.21 -3.99 8.35
N GLY A 20 5.31 -4.44 9.22
CA GLY A 20 5.69 -5.43 10.21
C GLY A 20 6.72 -4.80 11.14
N SER A 21 7.73 -5.59 11.52
CA SER A 21 8.78 -5.10 12.42
C SER A 21 9.77 -4.12 11.79
N SER A 22 9.65 -3.88 10.48
CA SER A 22 10.55 -2.94 9.81
C SER A 22 10.10 -1.52 10.18
N ALA A 23 8.87 -1.42 10.71
CA ALA A 23 8.26 -0.15 11.11
C ALA A 23 9.12 0.68 12.04
N THR A 24 9.80 0.02 12.98
CA THR A 24 10.65 0.72 13.94
C THR A 24 11.68 1.63 13.28
N VAL A 25 12.55 1.07 12.43
CA VAL A 25 13.56 1.86 11.75
C VAL A 25 12.96 2.84 10.74
N VAL A 26 11.90 2.43 10.06
CA VAL A 26 11.24 3.29 9.08
C VAL A 26 10.75 4.58 9.76
N ASN A 27 10.09 4.42 10.90
CA ASN A 27 9.56 5.55 11.66
C ASN A 27 10.68 6.47 12.17
N LEU A 28 11.80 5.87 12.56
CA LEU A 28 12.93 6.64 13.06
C LEU A 28 13.50 7.57 11.99
N VAL A 29 13.54 7.09 10.75
CA VAL A 29 14.04 7.90 9.63
C VAL A 29 13.06 9.02 9.29
N ILE A 30 11.77 8.67 9.27
CA ILE A 30 10.71 9.63 8.96
C ILE A 30 10.68 10.80 9.95
N GLN A 31 10.73 10.47 11.24
CA GLN A 31 10.70 11.47 12.31
C GLN A 31 11.96 12.34 12.33
N ALA A 32 13.10 11.75 12.04
CA ALA A 32 14.37 12.47 12.07
C ALA A 32 14.66 13.34 10.85
N HIS A 33 14.00 13.06 9.73
CA HIS A 33 14.26 13.82 8.51
C HIS A 33 13.02 14.37 7.82
N PRO A 34 12.92 15.70 7.71
CA PRO A 34 11.76 16.31 7.04
C PRO A 34 11.81 15.95 5.56
N GLY A 35 10.65 15.63 4.98
CA GLY A 35 10.59 15.28 3.57
C GLY A 35 10.88 13.81 3.32
N THR A 36 10.59 12.98 4.31
CA THR A 36 10.82 11.56 4.18
C THR A 36 9.49 10.82 4.11
N THR A 37 9.32 10.02 3.06
CA THR A 37 8.12 9.22 2.88
C THR A 37 8.53 7.76 2.83
N SER A 38 7.55 6.86 2.80
CA SER A 38 7.85 5.44 2.77
C SER A 38 6.71 4.61 2.18
N GLU A 39 7.01 3.34 1.91
CA GLU A 39 6.04 2.40 1.37
C GLU A 39 6.46 1.00 1.77
N ALA A 40 5.48 0.13 1.96
CA ALA A 40 5.74 -1.25 2.32
C ALA A 40 5.68 -2.09 1.05
N ILE A 41 6.54 -3.10 0.95
CA ILE A 41 6.57 -3.98 -0.20
C ILE A 41 5.38 -4.91 -0.14
N VAL A 42 4.60 -4.96 -1.22
CA VAL A 42 3.44 -5.84 -1.29
C VAL A 42 3.87 -7.19 -1.82
N TYR A 43 3.90 -8.19 -0.94
CA TYR A 43 4.27 -9.54 -1.30
C TYR A 43 3.65 -10.49 -0.29
N PRO A 44 3.66 -11.81 -0.56
CA PRO A 44 3.06 -12.79 0.35
C PRO A 44 3.53 -12.82 1.81
N ALA A 45 4.85 -12.75 2.03
CA ALA A 45 5.44 -12.81 3.37
C ALA A 45 4.84 -14.03 4.06
N CYS A 46 4.95 -15.17 3.41
CA CYS A 46 4.38 -16.42 3.90
C CYS A 46 5.38 -17.56 3.86
N GLY A 47 5.07 -18.60 4.64
CA GLY A 47 5.93 -19.77 4.72
C GLY A 47 5.07 -21.03 4.77
N GLY A 48 3.99 -21.03 4.00
CA GLY A 48 3.09 -22.16 3.97
C GLY A 48 1.90 -22.05 4.91
N GLN A 49 1.84 -20.97 5.68
CA GLN A 49 0.74 -20.78 6.62
C GLN A 49 -0.58 -20.41 5.96
N ALA A 50 -1.65 -21.02 6.43
CA ALA A 50 -2.98 -20.75 5.89
C ALA A 50 -3.36 -19.29 6.14
N SER A 51 -2.81 -18.71 7.21
CA SER A 51 -3.08 -17.32 7.57
C SER A 51 -2.68 -16.34 6.47
N CYS A 52 -1.57 -16.62 5.80
CA CYS A 52 -1.09 -15.76 4.74
C CYS A 52 -1.34 -16.30 3.32
N GLY A 53 -2.41 -17.08 3.18
CA GLY A 53 -2.78 -17.62 1.88
C GLY A 53 -2.25 -19.00 1.51
N GLY A 54 -1.41 -19.57 2.35
CA GLY A 54 -0.86 -20.89 2.07
C GLY A 54 0.33 -20.89 1.13
N ILE A 55 0.80 -19.70 0.77
CA ILE A 55 1.94 -19.54 -0.13
C ILE A 55 3.24 -19.97 0.55
N SER A 56 3.96 -20.89 -0.09
CA SER A 56 5.22 -21.41 0.44
C SER A 56 6.28 -20.33 0.59
N TYR A 57 7.29 -20.60 1.41
CA TYR A 57 8.38 -19.66 1.65
C TYR A 57 9.13 -19.33 0.36
N ALA A 58 9.41 -20.37 -0.44
CA ALA A 58 10.13 -20.20 -1.70
C ALA A 58 9.36 -19.30 -2.66
N ASN A 59 8.06 -19.55 -2.82
CA ASN A 59 7.23 -18.75 -3.70
C ASN A 59 7.05 -17.33 -3.16
N SER A 60 7.15 -17.19 -1.85
CA SER A 60 7.02 -15.89 -1.21
C SER A 60 8.28 -15.08 -1.47
N VAL A 61 9.43 -15.73 -1.43
CA VAL A 61 10.72 -15.06 -1.68
C VAL A 61 10.86 -14.73 -3.17
N VAL A 62 10.36 -15.62 -4.04
CA VAL A 62 10.43 -15.40 -5.48
C VAL A 62 9.60 -14.17 -5.84
N ASN A 63 8.36 -14.12 -5.34
CA ASN A 63 7.48 -12.99 -5.58
C ASN A 63 8.08 -11.73 -4.94
N GLY A 64 8.49 -11.87 -3.68
CA GLY A 64 9.06 -10.76 -2.93
C GLY A 64 10.26 -10.08 -3.56
N THR A 65 11.21 -10.88 -4.05
CA THR A 65 12.43 -10.34 -4.66
C THR A 65 12.06 -9.48 -5.88
N ASN A 66 11.14 -9.99 -6.69
CA ASN A 66 10.68 -9.28 -7.88
C ASN A 66 9.89 -8.04 -7.48
N ALA A 67 9.03 -8.19 -6.46
CA ALA A 67 8.20 -7.09 -5.97
C ALA A 67 9.09 -5.96 -5.46
N ALA A 68 10.14 -6.34 -4.73
CA ALA A 68 11.08 -5.37 -4.17
C ALA A 68 11.82 -4.65 -5.30
N ALA A 69 12.34 -5.41 -6.26
CA ALA A 69 13.06 -4.84 -7.39
C ALA A 69 12.18 -3.89 -8.21
N ALA A 70 10.94 -4.31 -8.47
CA ALA A 70 9.99 -3.51 -9.24
C ALA A 70 9.59 -2.22 -8.53
N ALA A 71 9.41 -2.30 -7.22
CA ALA A 71 9.02 -1.13 -6.43
C ALA A 71 10.13 -0.08 -6.39
N ILE A 72 11.36 -0.54 -6.17
CA ILE A 72 12.52 0.34 -6.11
C ILE A 72 12.82 0.96 -7.47
N ASN A 73 12.82 0.12 -8.52
CA ASN A 73 13.08 0.60 -9.86
C ASN A 73 12.02 1.60 -10.34
N ASN A 74 10.75 1.25 -10.15
CA ASN A 74 9.65 2.11 -10.56
C ASN A 74 9.63 3.44 -9.83
N PHE A 75 9.91 3.43 -8.54
CA PHE A 75 9.93 4.66 -7.76
C PHE A 75 11.10 5.55 -8.18
N HIS A 76 12.25 4.94 -8.45
CA HIS A 76 13.41 5.70 -8.88
C HIS A 76 13.12 6.41 -10.20
N ASN A 77 12.42 5.73 -11.11
CA ASN A 77 12.08 6.33 -12.39
C ASN A 77 11.20 7.57 -12.22
N SER A 78 10.31 7.53 -11.24
CA SER A 78 9.42 8.65 -10.95
C SER A 78 10.16 9.76 -10.21
N CYS A 79 11.03 9.36 -9.29
CA CYS A 79 11.81 10.30 -8.48
C CYS A 79 13.29 9.94 -8.48
N PRO A 80 14.01 10.22 -9.58
CA PRO A 80 15.44 9.93 -9.72
C PRO A 80 16.43 10.64 -8.79
N ASP A 81 16.02 11.76 -8.20
CA ASP A 81 16.88 12.52 -7.30
C ASP A 81 16.68 12.20 -5.82
N THR A 82 15.68 11.39 -5.53
CA THR A 82 15.36 11.00 -4.16
C THR A 82 16.33 9.94 -3.62
N GLN A 83 16.76 10.12 -2.36
CA GLN A 83 17.66 9.18 -1.71
C GLN A 83 16.83 8.03 -1.17
N LEU A 84 17.22 6.80 -1.50
CA LEU A 84 16.48 5.62 -1.08
C LEU A 84 17.09 4.87 0.09
N VAL A 85 16.23 4.36 0.96
CA VAL A 85 16.64 3.60 2.14
C VAL A 85 15.78 2.35 2.19
N LEU A 86 16.41 1.20 2.42
CA LEU A 86 15.70 -0.07 2.50
C LEU A 86 15.75 -0.60 3.92
N VAL A 87 14.63 -1.13 4.40
CA VAL A 87 14.54 -1.70 5.73
C VAL A 87 13.77 -3.01 5.66
N GLY A 88 14.49 -4.13 5.76
CA GLY A 88 13.84 -5.42 5.70
C GLY A 88 13.98 -6.20 6.98
N TYR A 89 12.90 -6.85 7.39
CA TYR A 89 12.90 -7.64 8.62
C TYR A 89 12.61 -9.11 8.32
N SER A 90 13.54 -9.98 8.73
CA SER A 90 13.42 -11.42 8.52
C SER A 90 13.32 -11.76 7.02
N GLN A 91 12.17 -12.27 6.57
CA GLN A 91 12.01 -12.59 5.15
C GLN A 91 12.12 -11.30 4.33
N GLY A 92 11.73 -10.18 4.96
CA GLY A 92 11.79 -8.89 4.30
C GLY A 92 13.22 -8.50 4.01
N ALA A 93 14.13 -8.88 4.89
CA ALA A 93 15.55 -8.59 4.71
C ALA A 93 16.09 -9.45 3.57
N GLN A 94 15.58 -10.68 3.47
CA GLN A 94 16.00 -11.62 2.43
C GLN A 94 15.65 -11.15 1.02
N ILE A 95 14.45 -10.61 0.83
CA ILE A 95 14.06 -10.14 -0.49
C ILE A 95 14.84 -8.89 -0.91
N PHE A 96 15.21 -8.06 0.06
CA PHE A 96 16.00 -6.86 -0.20
C PHE A 96 17.45 -7.26 -0.46
N ASP A 97 17.90 -8.31 0.21
CA ASP A 97 19.25 -8.83 0.06
C ASP A 97 19.43 -9.32 -1.39
N ASN A 98 18.48 -10.12 -1.84
CA ASN A 98 18.50 -10.67 -3.20
C ASN A 98 18.41 -9.59 -4.27
N ALA A 99 17.55 -8.59 -4.03
CA ALA A 99 17.34 -7.50 -4.97
C ALA A 99 18.52 -6.53 -5.07
N LEU A 100 19.14 -6.22 -3.94
CA LEU A 100 20.27 -5.29 -3.92
C LEU A 100 21.61 -5.94 -4.26
N CYS A 101 21.89 -7.09 -3.64
CA CYS A 101 23.15 -7.79 -3.85
C CYS A 101 23.17 -8.81 -4.98
N GLY A 102 22.00 -9.34 -5.33
CA GLY A 102 21.93 -10.33 -6.38
C GLY A 102 22.56 -11.63 -5.92
N GLY A 103 23.41 -12.21 -6.75
CA GLY A 103 24.08 -13.46 -6.41
C GLY A 103 23.20 -14.70 -6.35
N GLY A 104 21.92 -14.53 -6.67
CA GLY A 104 20.99 -15.65 -6.64
C GLY A 104 20.64 -16.15 -5.24
N ASP A 105 19.58 -16.96 -5.17
CA ASP A 105 19.11 -17.54 -3.92
C ASP A 105 18.64 -18.96 -4.25
N PRO A 106 19.61 -19.87 -4.50
CA PRO A 106 19.37 -21.27 -4.85
C PRO A 106 18.44 -22.07 -3.94
N GLY A 107 18.49 -21.77 -2.64
CA GLY A 107 17.63 -22.46 -1.69
C GLY A 107 16.17 -22.15 -1.89
N GLU A 108 15.87 -21.02 -2.51
CA GLU A 108 14.49 -20.61 -2.75
C GLU A 108 14.09 -20.64 -4.23
N GLY A 109 14.94 -21.22 -5.07
CA GLY A 109 14.64 -21.33 -6.49
C GLY A 109 15.11 -20.22 -7.41
N ILE A 110 15.93 -19.31 -6.89
CA ILE A 110 16.45 -18.20 -7.71
C ILE A 110 17.89 -18.52 -8.13
N THR A 111 18.10 -18.72 -9.43
CA THR A 111 19.43 -19.04 -9.94
C THR A 111 20.16 -17.86 -10.58
N ASN A 112 19.41 -16.86 -11.03
CA ASN A 112 20.00 -15.67 -11.66
C ASN A 112 20.85 -14.90 -10.64
N THR A 113 22.05 -14.50 -11.06
CA THR A 113 22.97 -13.76 -10.19
C THR A 113 22.97 -12.25 -10.37
N ALA A 114 22.41 -11.78 -11.48
CA ALA A 114 22.40 -10.35 -11.75
C ALA A 114 21.53 -9.54 -10.78
N VAL A 115 22.00 -8.35 -10.44
CA VAL A 115 21.27 -7.44 -9.56
C VAL A 115 20.08 -6.91 -10.37
N PRO A 116 18.85 -7.22 -9.93
CA PRO A 116 17.62 -6.79 -10.62
C PRO A 116 17.35 -5.28 -10.59
N LEU A 117 18.11 -4.55 -9.79
CA LEU A 117 17.94 -3.09 -9.72
C LEU A 117 18.69 -2.42 -10.86
N THR A 118 18.13 -1.32 -11.37
CA THR A 118 18.76 -0.57 -12.45
C THR A 118 19.97 0.16 -11.89
N ALA A 119 20.87 0.57 -12.77
CA ALA A 119 22.08 1.29 -12.37
C ALA A 119 21.73 2.56 -11.61
N GLY A 120 20.70 3.27 -12.08
CA GLY A 120 20.27 4.49 -11.43
C GLY A 120 19.70 4.22 -10.05
N ALA A 121 18.89 3.18 -9.93
CA ALA A 121 18.29 2.80 -8.66
C ALA A 121 19.35 2.43 -7.63
N VAL A 122 20.33 1.64 -8.04
CA VAL A 122 21.42 1.21 -7.15
C VAL A 122 22.19 2.41 -6.59
N SER A 123 22.48 3.39 -7.43
CA SER A 123 23.21 4.58 -7.00
C SER A 123 22.35 5.48 -6.10
N ALA A 124 21.03 5.36 -6.21
CA ALA A 124 20.10 6.13 -5.41
C ALA A 124 19.95 5.54 -4.01
N VAL A 125 20.10 4.22 -3.89
CA VAL A 125 20.02 3.55 -2.60
C VAL A 125 21.24 3.98 -1.80
N LYS A 126 21.00 4.66 -0.69
CA LYS A 126 22.09 5.15 0.16
C LYS A 126 22.39 4.21 1.33
N ALA A 127 21.36 3.56 1.85
CA ALA A 127 21.53 2.65 2.98
C ALA A 127 20.51 1.53 2.98
N ALA A 128 20.91 0.39 3.54
CA ALA A 128 20.05 -0.77 3.64
C ALA A 128 20.25 -1.44 4.99
N ILE A 129 19.15 -1.63 5.71
CA ILE A 129 19.17 -2.25 7.02
C ILE A 129 18.47 -3.60 6.95
N PHE A 130 19.19 -4.66 7.28
CA PHE A 130 18.66 -6.01 7.29
C PHE A 130 18.65 -6.48 8.73
N MET A 131 17.54 -7.03 9.19
CA MET A 131 17.43 -7.53 10.56
C MET A 131 16.91 -8.95 10.53
N GLY A 132 17.71 -9.88 11.02
CA GLY A 132 17.32 -11.28 11.04
C GLY A 132 17.26 -11.90 9.64
N ASP A 133 18.21 -11.53 8.80
CA ASP A 133 18.31 -11.99 7.42
C ASP A 133 18.73 -13.47 7.37
N PRO A 134 17.85 -14.36 6.88
CA PRO A 134 18.14 -15.80 6.77
C PRO A 134 19.31 -16.12 5.85
N ARG A 135 19.72 -15.13 5.04
CA ARG A 135 20.83 -15.29 4.11
C ARG A 135 22.16 -14.98 4.81
N ASN A 136 22.10 -14.67 6.09
CA ASN A 136 23.29 -14.33 6.87
C ASN A 136 24.34 -15.43 6.96
N ILE A 137 25.60 -15.00 7.05
CA ILE A 137 26.73 -15.88 7.22
C ILE A 137 27.85 -15.05 7.82
N HIS A 138 28.49 -15.59 8.85
CA HIS A 138 29.58 -14.90 9.54
C HIS A 138 30.72 -14.55 8.60
N GLY A 139 31.28 -13.36 8.77
CA GLY A 139 32.39 -12.94 7.93
C GLY A 139 32.09 -11.79 6.99
N LEU A 140 30.82 -11.62 6.61
CA LEU A 140 30.43 -10.53 5.72
C LEU A 140 30.74 -9.20 6.41
N PRO A 141 31.40 -8.27 5.70
CA PRO A 141 31.80 -6.95 6.18
C PRO A 141 30.71 -6.05 6.75
N TYR A 142 29.46 -6.27 6.35
CA TYR A 142 28.35 -5.46 6.83
C TYR A 142 27.58 -6.07 8.00
N ASN A 143 28.13 -7.13 8.57
CA ASN A 143 27.50 -7.82 9.70
C ASN A 143 27.69 -7.13 11.03
N VAL A 144 26.65 -7.17 11.85
CA VAL A 144 26.64 -6.61 13.20
C VAL A 144 25.84 -7.57 14.05
N GLY A 145 26.41 -8.01 15.17
CA GLY A 145 25.71 -8.94 16.03
C GLY A 145 26.61 -10.02 16.59
N THR A 146 26.07 -10.83 17.49
CA THR A 146 26.85 -11.89 18.12
C THR A 146 26.88 -13.22 17.38
N CYS A 147 26.18 -13.29 16.24
CA CYS A 147 26.17 -14.53 15.48
C CYS A 147 27.51 -14.79 14.80
N THR A 148 28.02 -16.01 14.97
CA THR A 148 29.30 -16.39 14.37
C THR A 148 29.16 -17.62 13.48
N THR A 149 27.91 -17.94 13.10
CA THR A 149 27.63 -19.08 12.23
C THR A 149 26.90 -18.62 10.96
N GLN A 150 25.65 -19.05 10.78
CA GLN A 150 24.90 -18.67 9.57
C GLN A 150 23.41 -18.99 9.66
N GLY A 151 22.66 -18.47 8.70
CA GLY A 151 21.22 -18.69 8.63
C GLY A 151 20.86 -19.85 7.72
N PHE A 152 19.58 -20.19 7.63
CA PHE A 152 19.16 -21.32 6.80
C PHE A 152 19.36 -21.14 5.29
N ASP A 153 19.48 -19.89 4.85
CA ASP A 153 19.73 -19.60 3.43
C ASP A 153 21.03 -18.83 3.31
N ALA A 154 21.99 -19.21 4.15
CA ALA A 154 23.31 -18.58 4.19
C ALA A 154 23.97 -18.25 2.86
N ARG A 155 24.50 -17.05 2.77
CA ARG A 155 25.21 -16.57 1.59
C ARG A 155 26.54 -17.33 1.52
N PRO A 156 27.23 -17.26 0.38
CA PRO A 156 28.52 -17.97 0.28
C PRO A 156 29.51 -17.35 1.26
N ALA A 157 30.39 -18.17 1.81
CA ALA A 157 31.40 -17.67 2.73
C ALA A 157 32.31 -16.77 1.89
N GLY A 158 32.35 -15.49 2.23
CA GLY A 158 33.19 -14.57 1.47
C GLY A 158 32.46 -14.01 0.27
N PHE A 159 31.14 -13.90 0.38
CA PHE A 159 30.31 -13.35 -0.69
C PHE A 159 30.63 -11.87 -0.84
N VAL A 160 30.62 -11.39 -2.07
CA VAL A 160 30.91 -9.99 -2.34
C VAL A 160 29.69 -9.28 -2.90
N CYS A 161 29.04 -8.47 -2.06
CA CYS A 161 27.88 -7.71 -2.49
C CYS A 161 28.41 -6.42 -3.09
N PRO A 162 27.98 -6.08 -4.32
CA PRO A 162 28.43 -4.85 -4.99
C PRO A 162 28.16 -3.58 -4.16
N SER A 163 27.10 -3.61 -3.35
CA SER A 163 26.74 -2.48 -2.51
C SER A 163 26.97 -2.80 -1.03
N ALA A 164 27.99 -3.59 -0.74
CA ALA A 164 28.33 -3.99 0.62
C ALA A 164 28.51 -2.83 1.60
N SER A 165 29.01 -1.69 1.10
CA SER A 165 29.26 -0.52 1.94
C SER A 165 28.01 0.27 2.32
N LYS A 166 26.86 -0.11 1.78
CA LYS A 166 25.60 0.57 2.07
C LYS A 166 24.70 -0.26 2.97
N ILE A 167 25.22 -1.38 3.47
CA ILE A 167 24.43 -2.27 4.29
C ILE A 167 24.89 -2.47 5.74
N LYS A 168 23.93 -2.84 6.59
CA LYS A 168 24.13 -3.17 7.99
C LYS A 168 23.16 -4.33 8.22
N SER A 169 23.72 -5.51 8.47
CA SER A 169 22.92 -6.70 8.69
C SER A 169 23.08 -7.16 10.14
N TYR A 170 22.01 -6.98 10.93
CA TYR A 170 22.01 -7.36 12.35
C TYR A 170 21.55 -8.79 12.57
N CYS A 171 22.30 -9.55 13.35
CA CYS A 171 21.98 -10.94 13.64
C CYS A 171 22.75 -11.45 14.87
N ASP A 172 22.01 -11.92 15.87
CA ASP A 172 22.60 -12.44 17.10
C ASP A 172 22.68 -13.96 17.15
N ALA A 173 23.55 -14.45 18.01
CA ALA A 173 23.79 -15.89 18.19
C ALA A 173 22.58 -16.76 18.47
N ALA A 174 21.62 -16.27 19.27
CA ALA A 174 20.45 -17.05 19.61
C ALA A 174 19.34 -17.09 18.57
N ASP A 175 19.50 -16.31 17.49
CA ASP A 175 18.52 -16.28 16.42
C ASP A 175 18.52 -17.63 15.70
N PRO A 176 17.36 -18.28 15.59
CA PRO A 176 17.26 -19.58 14.92
C PRO A 176 17.14 -19.53 13.39
N TYR A 177 16.95 -18.33 12.85
CA TYR A 177 16.78 -18.14 11.42
C TYR A 177 17.98 -17.56 10.68
N CYS A 178 18.54 -16.48 11.22
CA CYS A 178 19.71 -15.86 10.61
C CYS A 178 20.98 -16.44 11.23
N CYS A 179 20.80 -17.29 12.23
CA CYS A 179 21.91 -17.93 12.92
C CYS A 179 21.51 -19.36 13.25
N THR A 180 22.35 -20.07 14.01
CA THR A 180 22.05 -21.44 14.39
C THR A 180 21.52 -21.54 15.81
N GLY A 181 20.89 -20.46 16.28
CA GLY A 181 20.34 -20.41 17.63
C GLY A 181 19.05 -21.20 17.83
N ASN A 182 18.40 -20.97 18.96
CA ASN A 182 17.16 -21.67 19.30
C ASN A 182 16.13 -20.78 20.00
N ASP A 183 16.39 -19.49 20.05
CA ASP A 183 15.49 -18.54 20.71
C ASP A 183 14.79 -17.62 19.69
N PRO A 184 13.54 -17.95 19.33
CA PRO A 184 12.74 -17.19 18.37
C PRO A 184 12.51 -15.73 18.78
N ASN A 185 12.51 -15.47 20.09
CA ASN A 185 12.29 -14.12 20.60
C ASN A 185 13.40 -13.16 20.20
N VAL A 186 14.63 -13.66 20.16
CA VAL A 186 15.78 -12.83 19.78
C VAL A 186 15.60 -12.32 18.36
N HIS A 187 14.99 -13.15 17.53
CA HIS A 187 14.74 -12.83 16.14
C HIS A 187 13.74 -11.67 16.01
N GLN A 188 12.87 -11.53 17.00
CA GLN A 188 11.86 -10.48 16.98
C GLN A 188 12.21 -9.16 17.68
N GLY A 189 13.39 -9.10 18.31
CA GLY A 189 13.75 -7.88 19.01
C GLY A 189 14.82 -6.97 18.46
N TYR A 190 15.15 -7.09 17.18
CA TYR A 190 16.18 -6.25 16.56
C TYR A 190 15.83 -4.77 16.44
N GLY A 191 14.55 -4.47 16.29
CA GLY A 191 14.13 -3.07 16.18
C GLY A 191 14.47 -2.28 17.42
N GLN A 192 14.31 -2.92 18.58
CA GLN A 192 14.59 -2.29 19.87
C GLN A 192 16.08 -2.30 20.21
N GLU A 193 16.73 -3.43 19.90
CA GLU A 193 18.14 -3.62 20.20
C GLU A 193 19.12 -2.81 19.32
N TYR A 194 18.86 -2.76 18.02
CA TYR A 194 19.74 -2.06 17.10
C TYR A 194 19.11 -0.88 16.35
N GLY A 195 17.86 -0.55 16.67
CA GLY A 195 17.19 0.55 16.00
C GLY A 195 17.95 1.86 15.91
N GLN A 196 18.49 2.32 17.04
CA GLN A 196 19.25 3.57 17.06
C GLN A 196 20.55 3.49 16.27
N GLN A 197 21.21 2.33 16.32
CA GLN A 197 22.45 2.11 15.59
C GLN A 197 22.17 2.17 14.09
N ALA A 198 21.07 1.56 13.69
CA ALA A 198 20.64 1.53 12.29
C ALA A 198 20.42 2.96 11.81
N LEU A 199 19.68 3.73 12.60
CA LEU A 199 19.40 5.12 12.26
C LEU A 199 20.69 5.91 12.10
N ALA A 200 21.63 5.71 13.02
CA ALA A 200 22.91 6.41 12.98
C ALA A 200 23.66 6.10 11.68
N PHE A 201 23.57 4.85 11.23
CA PHE A 201 24.24 4.44 10.00
C PHE A 201 23.57 5.12 8.82
N ILE A 202 22.23 5.07 8.79
CA ILE A 202 21.46 5.69 7.72
C ILE A 202 21.79 7.18 7.63
N ASN A 203 21.93 7.84 8.79
CA ASN A 203 22.26 9.26 8.84
C ASN A 203 23.62 9.57 8.24
N SER A 204 24.58 8.68 8.46
CA SER A 204 25.93 8.87 7.93
C SER A 204 25.99 8.60 6.42
N GLN A 205 25.12 7.70 5.96
CA GLN A 205 25.05 7.34 4.54
C GLN A 205 24.36 8.42 3.70
N LEU A 206 23.33 9.03 4.26
CA LEU A 206 22.57 10.07 3.57
C LEU A 206 23.39 11.32 3.27
N SER A 207 23.15 11.90 2.10
CA SER A 207 23.84 13.10 1.66
C SER A 207 23.16 14.32 2.26
N PCA B 1 -21.14 18.36 19.73
CA PCA B 1 -22.05 17.19 19.51
CB PCA B 1 -23.47 17.67 19.64
CG PCA B 1 -23.44 19.16 19.54
CD PCA B 1 -21.99 19.60 19.59
OE PCA B 1 -21.67 20.78 19.54
C PCA B 1 -21.83 16.58 18.13
O PCA B 1 -21.32 17.23 17.21
N CYS B 2 -22.20 15.31 17.98
CA CYS B 2 -22.05 14.61 16.72
C CYS B 2 -23.00 15.19 15.68
N PRO B 3 -22.57 15.24 14.40
CA PRO B 3 -23.42 15.77 13.34
C PRO B 3 -24.54 14.79 13.03
N ALA B 4 -25.58 15.28 12.36
CA ALA B 4 -26.72 14.43 12.00
C ALA B 4 -26.29 13.51 10.85
N ILE B 5 -25.47 14.06 9.96
CA ILE B 5 -24.97 13.35 8.78
C ILE B 5 -23.48 13.70 8.60
N HIS B 6 -22.68 12.72 8.18
CA HIS B 6 -21.26 12.95 7.95
C HIS B 6 -20.88 12.37 6.59
N VAL B 7 -20.28 13.22 5.75
CA VAL B 7 -19.89 12.81 4.40
C VAL B 7 -18.37 12.63 4.28
N PHE B 8 -17.98 11.47 3.75
CA PHE B 8 -16.57 11.17 3.54
C PHE B 8 -16.30 11.32 2.04
N GLY B 9 -15.35 12.16 1.69
CA GLY B 9 -15.02 12.38 0.29
C GLY B 9 -13.61 11.93 -0.06
N ALA B 10 -13.45 11.34 -1.24
CA ALA B 10 -12.15 10.88 -1.71
C ALA B 10 -11.89 11.43 -3.12
N ARG B 11 -10.74 12.09 -3.27
CA ARG B 11 -10.35 12.71 -4.53
C ARG B 11 -9.78 11.76 -5.59
N GLU B 12 -9.60 12.30 -6.80
CA GLU B 12 -9.06 11.56 -7.92
C GLU B 12 -7.53 11.65 -7.97
N THR B 13 -6.92 10.76 -8.75
CA THR B 13 -5.47 10.70 -8.91
C THR B 13 -4.87 12.04 -9.35
N THR B 14 -3.67 12.32 -8.84
CA THR B 14 -2.89 13.54 -9.12
C THR B 14 -3.38 14.84 -8.50
N VAL B 15 -4.56 14.83 -7.88
CA VAL B 15 -5.10 16.02 -7.24
C VAL B 15 -4.50 16.14 -5.84
N SER B 16 -4.12 17.36 -5.46
CA SER B 16 -3.53 17.63 -4.15
C SER B 16 -4.53 17.27 -3.04
N GLN B 17 -4.01 16.85 -1.89
CA GLN B 17 -4.84 16.46 -0.74
C GLN B 17 -6.06 17.32 -0.53
N GLY B 18 -7.22 16.68 -0.59
CA GLY B 18 -8.49 17.37 -0.41
C GLY B 18 -9.63 16.50 -0.92
N TYR B 19 -10.73 17.14 -1.31
CA TYR B 19 -11.89 16.42 -1.83
C TYR B 19 -11.79 16.19 -3.33
N GLY B 20 -11.07 17.06 -4.03
CA GLY B 20 -10.96 16.93 -5.46
C GLY B 20 -12.31 17.16 -6.10
N SER B 21 -12.70 16.29 -7.02
CA SER B 21 -13.98 16.40 -7.72
C SER B 21 -15.18 15.82 -6.97
N SER B 22 -14.92 15.26 -5.79
CA SER B 22 -16.01 14.72 -4.98
C SER B 22 -16.71 15.87 -4.27
N ALA B 23 -16.07 17.05 -4.30
CA ALA B 23 -16.58 18.26 -3.67
C ALA B 23 -17.97 18.67 -4.13
N THR B 24 -18.27 18.45 -5.41
CA THR B 24 -19.57 18.82 -5.98
C THR B 24 -20.74 18.20 -5.22
N VAL B 25 -20.71 16.87 -5.06
CA VAL B 25 -21.76 16.17 -4.34
C VAL B 25 -21.66 16.39 -2.83
N VAL B 26 -20.44 16.49 -2.30
CA VAL B 26 -20.25 16.72 -0.87
C VAL B 26 -20.90 18.04 -0.48
N ASN B 27 -20.70 19.06 -1.30
CA ASN B 27 -21.28 20.38 -1.05
C ASN B 27 -22.79 20.41 -1.23
N LEU B 28 -23.29 19.57 -2.14
CA LEU B 28 -24.73 19.49 -2.38
C LEU B 28 -25.47 18.95 -1.16
N VAL B 29 -24.88 17.97 -0.49
CA VAL B 29 -25.49 17.36 0.69
C VAL B 29 -25.43 18.33 1.87
N ILE B 30 -24.27 18.96 2.07
CA ILE B 30 -24.07 19.91 3.15
C ILE B 30 -25.08 21.07 3.07
N GLN B 31 -25.18 21.67 1.89
CA GLN B 31 -26.09 22.79 1.66
C GLN B 31 -27.56 22.38 1.84
N ALA B 32 -27.90 21.17 1.45
CA ALA B 32 -29.27 20.69 1.54
C ALA B 32 -29.71 20.15 2.90
N HIS B 33 -28.74 19.78 3.75
CA HIS B 33 -29.08 19.22 5.06
C HIS B 33 -28.36 19.86 6.25
N PRO B 34 -29.11 20.56 7.12
CA PRO B 34 -28.52 21.20 8.29
C PRO B 34 -27.96 20.11 9.22
N GLY B 35 -26.80 20.37 9.82
CA GLY B 35 -26.19 19.39 10.71
C GLY B 35 -25.32 18.39 9.96
N THR B 36 -24.86 18.80 8.77
CA THR B 36 -24.00 17.94 7.97
C THR B 36 -22.56 18.44 7.97
N THR B 37 -21.65 17.54 8.29
CA THR B 37 -20.23 17.85 8.29
C THR B 37 -19.56 16.86 7.34
N SER B 38 -18.30 17.11 7.01
CA SER B 38 -17.59 16.23 6.08
C SER B 38 -16.09 16.21 6.36
N GLU B 39 -15.41 15.28 5.71
CA GLU B 39 -13.96 15.13 5.83
C GLU B 39 -13.43 14.47 4.57
N ALA B 40 -12.20 14.81 4.20
CA ALA B 40 -11.55 14.23 3.04
C ALA B 40 -10.64 13.10 3.50
N ILE B 41 -10.60 12.02 2.73
CA ILE B 41 -9.76 10.87 3.06
C ILE B 41 -8.32 11.25 2.74
N VAL B 42 -7.44 11.07 3.73
CA VAL B 42 -6.02 11.37 3.56
C VAL B 42 -5.29 10.14 3.03
N TYR B 43 -4.91 10.20 1.75
CA TYR B 43 -4.18 9.11 1.10
C TYR B 43 -3.38 9.71 -0.06
N PRO B 44 -2.46 8.94 -0.66
CA PRO B 44 -1.65 9.45 -1.78
C PRO B 44 -2.40 9.94 -3.01
N ALA B 45 -3.46 9.25 -3.42
CA ALA B 45 -4.23 9.60 -4.62
C ALA B 45 -3.23 9.85 -5.74
N CYS B 46 -2.33 8.88 -5.91
CA CYS B 46 -1.28 8.98 -6.90
C CYS B 46 -1.22 7.77 -7.82
N GLY B 47 -0.51 7.92 -8.93
CA GLY B 47 -0.38 6.84 -9.89
C GLY B 47 1.00 6.84 -10.51
N GLY B 48 2.01 7.17 -9.70
CA GLY B 48 3.39 7.20 -10.17
C GLY B 48 3.93 8.59 -10.47
N GLN B 49 3.07 9.60 -10.44
CA GLN B 49 3.49 10.97 -10.73
C GLN B 49 4.35 11.57 -9.62
N ALA B 50 5.40 12.28 -10.01
CA ALA B 50 6.30 12.93 -9.06
C ALA B 50 5.54 13.99 -8.27
N SER B 51 4.53 14.59 -8.90
CA SER B 51 3.71 15.63 -8.28
C SER B 51 3.05 15.15 -6.98
N CYS B 52 2.63 13.87 -6.95
CA CYS B 52 2.00 13.33 -5.76
C CYS B 52 2.93 12.41 -4.95
N GLY B 53 4.24 12.66 -5.07
CA GLY B 53 5.21 11.88 -4.32
C GLY B 53 5.81 10.65 -4.96
N GLY B 54 5.43 10.37 -6.21
CA GLY B 54 5.97 9.21 -6.90
C GLY B 54 5.38 7.87 -6.47
N ILE B 55 4.32 7.92 -5.66
CA ILE B 55 3.67 6.71 -5.17
C ILE B 55 2.85 6.07 -6.29
N SER B 56 3.05 4.77 -6.50
CA SER B 56 2.35 4.03 -7.54
C SER B 56 0.86 3.93 -7.27
N TYR B 57 0.10 3.62 -8.32
CA TYR B 57 -1.35 3.49 -8.22
C TYR B 57 -1.73 2.34 -7.28
N ALA B 58 -0.98 1.24 -7.35
CA ALA B 58 -1.24 0.09 -6.50
C ALA B 58 -1.04 0.40 -5.02
N ASN B 59 0.06 1.06 -4.70
CA ASN B 59 0.35 1.43 -3.31
C ASN B 59 -0.58 2.53 -2.83
N SER B 60 -1.05 3.36 -3.76
CA SER B 60 -1.97 4.44 -3.45
C SER B 60 -3.34 3.84 -3.11
N VAL B 61 -3.73 2.80 -3.84
CA VAL B 61 -5.01 2.13 -3.62
C VAL B 61 -4.96 1.27 -2.35
N VAL B 62 -3.82 0.63 -2.11
CA VAL B 62 -3.65 -0.21 -0.92
C VAL B 62 -3.76 0.68 0.32
N ASN B 63 -3.07 1.83 0.28
CA ASN B 63 -3.10 2.78 1.36
C ASN B 63 -4.52 3.33 1.52
N GLY B 64 -5.03 3.92 0.45
CA GLY B 64 -6.36 4.50 0.45
C GLY B 64 -7.49 3.63 0.93
N THR B 65 -7.48 2.36 0.55
CA THR B 65 -8.51 1.41 0.97
C THR B 65 -8.54 1.31 2.49
N ASN B 66 -7.35 1.18 3.08
CA ASN B 66 -7.22 1.07 4.52
C ASN B 66 -7.53 2.39 5.22
N ALA B 67 -7.12 3.49 4.59
CA ALA B 67 -7.36 4.83 5.13
C ALA B 67 -8.85 5.14 5.12
N ALA B 68 -9.55 4.61 4.12
CA ALA B 68 -10.99 4.82 3.99
C ALA B 68 -11.70 4.01 5.06
N ALA B 69 -11.31 2.74 5.18
CA ALA B 69 -11.91 1.84 6.18
C ALA B 69 -11.69 2.37 7.59
N ALA B 70 -10.47 2.81 7.87
CA ALA B 70 -10.12 3.34 9.19
C ALA B 70 -10.90 4.60 9.50
N ALA B 71 -10.97 5.52 8.55
CA ALA B 71 -11.68 6.78 8.73
C ALA B 71 -13.15 6.54 9.06
N ILE B 72 -13.79 5.63 8.31
CA ILE B 72 -15.20 5.32 8.51
C ILE B 72 -15.46 4.60 9.85
N ASN B 73 -14.64 3.59 10.14
CA ASN B 73 -14.77 2.83 11.38
C ASN B 73 -14.59 3.70 12.61
N ASN B 74 -13.53 4.51 12.60
CA ASN B 74 -13.22 5.40 13.71
C ASN B 74 -14.27 6.47 13.93
N PHE B 75 -14.74 7.10 12.86
CA PHE B 75 -15.74 8.13 13.01
C PHE B 75 -17.02 7.53 13.55
N HIS B 76 -17.36 6.32 13.08
CA HIS B 76 -18.58 5.66 13.54
C HIS B 76 -18.50 5.35 15.04
N ASN B 77 -17.32 4.97 15.53
CA ASN B 77 -17.16 4.66 16.95
C ASN B 77 -17.37 5.92 17.78
N SER B 78 -16.92 7.06 17.25
CA SER B 78 -17.07 8.37 17.91
C SER B 78 -18.51 8.84 17.83
N CYS B 79 -19.17 8.58 16.70
CA CYS B 79 -20.53 9.00 16.46
C CYS B 79 -21.37 7.88 15.83
N PRO B 80 -21.79 6.88 16.63
CA PRO B 80 -22.58 5.73 16.18
C PRO B 80 -23.98 5.98 15.64
N ASP B 81 -24.57 7.13 15.95
CA ASP B 81 -25.92 7.45 15.48
C ASP B 81 -25.94 8.38 14.26
N THR B 82 -24.76 8.78 13.80
CA THR B 82 -24.67 9.66 12.64
C THR B 82 -24.82 8.88 11.33
N GLN B 83 -25.63 9.42 10.42
CA GLN B 83 -25.84 8.79 9.12
C GLN B 83 -24.62 9.13 8.27
N LEU B 84 -24.03 8.11 7.64
CA LEU B 84 -22.84 8.31 6.82
C LEU B 84 -23.12 8.26 5.32
N VAL B 85 -22.36 9.05 4.58
CA VAL B 85 -22.46 9.13 3.12
C VAL B 85 -21.05 9.20 2.54
N LEU B 86 -20.77 8.35 1.55
CA LEU B 86 -19.46 8.31 0.92
C LEU B 86 -19.55 8.88 -0.49
N VAL B 87 -18.54 9.65 -0.90
CA VAL B 87 -18.49 10.23 -2.24
C VAL B 87 -17.07 10.11 -2.78
N GLY B 88 -16.85 9.10 -3.61
CA GLY B 88 -15.52 8.90 -4.18
C GLY B 88 -15.47 9.23 -5.65
N TYR B 89 -14.39 9.89 -6.08
CA TYR B 89 -14.23 10.25 -7.48
C TYR B 89 -12.99 9.58 -8.06
N SER B 90 -13.21 8.79 -9.11
CA SER B 90 -12.15 8.07 -9.81
C SER B 90 -11.45 7.09 -8.85
N GLN B 91 -10.16 7.32 -8.54
CA GLN B 91 -9.45 6.44 -7.61
C GLN B 91 -10.13 6.49 -6.25
N GLY B 92 -10.70 7.64 -5.92
CA GLY B 92 -11.41 7.80 -4.66
C GLY B 92 -12.62 6.88 -4.60
N ALA B 93 -13.26 6.71 -5.75
CA ALA B 93 -14.41 5.81 -5.86
C ALA B 93 -13.93 4.38 -5.67
N GLN B 94 -12.71 4.11 -6.14
CA GLN B 94 -12.12 2.77 -6.04
C GLN B 94 -11.82 2.36 -4.60
N ILE B 95 -11.30 3.28 -3.79
CA ILE B 95 -10.99 2.95 -2.39
C ILE B 95 -12.26 2.73 -1.56
N PHE B 96 -13.33 3.47 -1.89
CA PHE B 96 -14.60 3.31 -1.19
C PHE B 96 -15.29 2.01 -1.63
N ASP B 97 -15.09 1.65 -2.90
CA ASP B 97 -15.68 0.42 -3.44
C ASP B 97 -15.07 -0.77 -2.70
N ASN B 98 -13.75 -0.77 -2.55
CA ASN B 98 -13.04 -1.84 -1.86
C ASN B 98 -13.41 -1.93 -0.38
N ALA B 99 -13.53 -0.76 0.27
CA ALA B 99 -13.86 -0.70 1.69
C ALA B 99 -15.29 -1.09 2.01
N LEU B 100 -16.23 -0.64 1.18
CA LEU B 100 -17.64 -0.94 1.39
C LEU B 100 -18.09 -2.31 0.87
N CYS B 101 -17.67 -2.66 -0.35
CA CYS B 101 -18.07 -3.94 -0.94
C CYS B 101 -17.13 -5.10 -0.70
N GLY B 102 -15.86 -4.79 -0.45
CA GLY B 102 -14.88 -5.84 -0.23
C GLY B 102 -14.61 -6.54 -1.55
N GLY B 103 -14.66 -7.87 -1.53
CA GLY B 103 -14.43 -8.65 -2.75
C GLY B 103 -13.01 -8.66 -3.29
N GLY B 104 -12.11 -7.93 -2.65
CA GLY B 104 -10.73 -7.89 -3.10
C GLY B 104 -10.51 -6.99 -4.30
N ASP B 105 -9.24 -6.74 -4.62
CA ASP B 105 -8.84 -5.92 -5.75
C ASP B 105 -7.50 -6.48 -6.26
N PRO B 106 -7.54 -7.68 -6.88
CA PRO B 106 -6.35 -8.38 -7.41
C PRO B 106 -5.41 -7.57 -8.30
N GLY B 107 -5.96 -6.69 -9.13
CA GLY B 107 -5.13 -5.88 -10.00
C GLY B 107 -4.26 -4.88 -9.26
N GLU B 108 -4.63 -4.57 -8.02
CA GLU B 108 -3.87 -3.62 -7.22
C GLU B 108 -3.17 -4.24 -6.01
N GLY B 109 -3.19 -5.56 -5.92
CA GLY B 109 -2.52 -6.24 -4.82
C GLY B 109 -3.31 -6.57 -3.57
N ILE B 110 -4.63 -6.37 -3.60
CA ILE B 110 -5.47 -6.67 -2.45
C ILE B 110 -6.14 -8.02 -2.68
N THR B 111 -5.74 -9.02 -1.90
CA THR B 111 -6.29 -10.37 -2.03
C THR B 111 -7.47 -10.71 -1.13
N ASN B 112 -7.53 -10.11 0.06
CA ASN B 112 -8.63 -10.37 1.00
C ASN B 112 -9.97 -9.87 0.49
N THR B 113 -11.00 -10.69 0.63
CA THR B 113 -12.34 -10.37 0.17
C THR B 113 -13.26 -9.76 1.23
N ALA B 114 -12.88 -9.87 2.49
CA ALA B 114 -13.68 -9.35 3.58
C ALA B 114 -13.86 -7.83 3.55
N VAL B 115 -15.06 -7.38 3.91
CA VAL B 115 -15.37 -5.96 3.98
C VAL B 115 -14.65 -5.44 5.23
N PRO B 116 -13.71 -4.49 5.07
CA PRO B 116 -12.95 -3.94 6.19
C PRO B 116 -13.76 -3.10 7.19
N LEU B 117 -14.96 -2.69 6.80
CA LEU B 117 -15.82 -1.88 7.66
C LEU B 117 -16.50 -2.76 8.72
N THR B 118 -16.67 -2.21 9.92
CA THR B 118 -17.31 -2.94 11.01
C THR B 118 -18.81 -3.07 10.71
N ALA B 119 -19.46 -4.02 11.37
CA ALA B 119 -20.88 -4.24 11.19
C ALA B 119 -21.67 -2.95 11.44
N GLY B 120 -21.28 -2.22 12.48
CA GLY B 120 -21.94 -0.98 12.82
C GLY B 120 -21.70 0.12 11.80
N ALA B 121 -20.47 0.22 11.30
CA ALA B 121 -20.12 1.23 10.31
C ALA B 121 -20.91 1.03 9.02
N VAL B 122 -21.02 -0.21 8.57
CA VAL B 122 -21.76 -0.56 7.36
C VAL B 122 -23.23 -0.16 7.51
N SER B 123 -23.81 -0.45 8.67
CA SER B 123 -25.19 -0.12 8.94
C SER B 123 -25.43 1.39 8.98
N ALA B 124 -24.40 2.13 9.37
CA ALA B 124 -24.47 3.58 9.45
C ALA B 124 -24.38 4.23 8.07
N VAL B 125 -23.74 3.55 7.13
CA VAL B 125 -23.62 4.07 5.77
C VAL B 125 -25.01 3.99 5.11
N LYS B 126 -25.50 5.14 4.65
CA LYS B 126 -26.81 5.21 4.03
C LYS B 126 -26.74 5.32 2.51
N ALA B 127 -25.71 5.98 2.02
CA ALA B 127 -25.53 6.17 0.58
C ALA B 127 -24.06 6.27 0.19
N ALA B 128 -23.74 5.74 -0.99
CA ALA B 128 -22.38 5.79 -1.52
C ALA B 128 -22.44 6.16 -2.99
N ILE B 129 -21.78 7.26 -3.33
CA ILE B 129 -21.74 7.76 -4.70
C ILE B 129 -20.36 7.58 -5.31
N PHE B 130 -20.28 6.75 -6.34
CA PHE B 130 -19.01 6.50 -7.04
C PHE B 130 -19.11 7.14 -8.42
N MET B 131 -18.08 7.88 -8.83
CA MET B 131 -18.06 8.52 -10.14
C MET B 131 -16.76 8.19 -10.86
N GLY B 132 -16.86 7.57 -12.02
CA GLY B 132 -15.67 7.21 -12.79
C GLY B 132 -14.84 6.15 -12.09
N ASP B 133 -15.52 5.20 -11.46
CA ASP B 133 -14.89 4.10 -10.73
C ASP B 133 -14.22 3.06 -11.64
N PRO B 134 -12.90 2.87 -11.51
CA PRO B 134 -12.14 1.90 -12.31
C PRO B 134 -12.58 0.45 -12.12
N ARG B 135 -13.28 0.15 -11.03
CA ARG B 135 -13.76 -1.19 -10.75
C ARG B 135 -15.07 -1.50 -11.49
N ASN B 136 -15.60 -0.51 -12.21
CA ASN B 136 -16.86 -0.66 -12.93
C ASN B 136 -16.89 -1.78 -13.96
N ILE B 137 -18.09 -2.36 -14.12
CA ILE B 137 -18.36 -3.41 -15.09
C ILE B 137 -19.86 -3.41 -15.33
N HIS B 138 -20.26 -3.44 -16.60
CA HIS B 138 -21.66 -3.44 -16.97
C HIS B 138 -22.38 -4.63 -16.37
N GLY B 139 -23.55 -4.38 -15.77
CA GLY B 139 -24.31 -5.46 -15.17
C GLY B 139 -24.63 -5.26 -13.70
N LEU B 140 -23.77 -4.52 -12.99
CA LEU B 140 -23.98 -4.25 -11.57
C LEU B 140 -25.27 -3.42 -11.42
N PRO B 141 -26.18 -3.86 -10.53
CA PRO B 141 -27.46 -3.20 -10.26
C PRO B 141 -27.42 -1.75 -9.77
N TYR B 142 -26.24 -1.29 -9.34
CA TYR B 142 -26.10 0.08 -8.87
C TYR B 142 -25.49 1.04 -9.89
N ASN B 143 -25.25 0.52 -11.09
CA ASN B 143 -24.65 1.32 -12.16
C ASN B 143 -25.62 2.31 -12.80
N VAL B 144 -25.07 3.44 -13.23
CA VAL B 144 -25.82 4.50 -13.91
C VAL B 144 -24.88 5.08 -14.96
N GLY B 145 -25.37 5.20 -16.20
CA GLY B 145 -24.54 5.74 -17.26
C GLY B 145 -24.63 4.97 -18.57
N THR B 146 -23.95 5.46 -19.58
CA THR B 146 -23.97 4.83 -20.90
C THR B 146 -22.93 3.75 -21.15
N CYS B 147 -22.03 3.53 -20.18
CA CYS B 147 -21.00 2.50 -20.35
C CYS B 147 -21.57 1.10 -20.39
N THR B 148 -21.20 0.36 -21.44
CA THR B 148 -21.68 -1.01 -21.62
C THR B 148 -20.56 -2.05 -21.56
N THR B 149 -19.37 -1.61 -21.17
CA THR B 149 -18.23 -2.50 -21.05
C THR B 149 -17.69 -2.55 -19.62
N GLN B 150 -16.44 -2.16 -19.40
CA GLN B 150 -15.86 -2.22 -18.05
C GLN B 150 -14.62 -1.33 -17.88
N GLY B 151 -14.17 -1.20 -16.64
CA GLY B 151 -13.00 -0.39 -16.33
C GLY B 151 -11.74 -1.21 -16.26
N PHE B 152 -10.58 -0.56 -16.06
CA PHE B 152 -9.31 -1.27 -16.02
C PHE B 152 -9.13 -2.22 -14.83
N ASP B 153 -9.93 -2.03 -13.79
CA ASP B 153 -9.89 -2.89 -12.61
C ASP B 153 -11.26 -3.53 -12.41
N ALA B 154 -11.97 -3.72 -13.52
CA ALA B 154 -13.32 -4.30 -13.51
C ALA B 154 -13.64 -5.39 -12.51
N ARG B 155 -14.77 -5.21 -11.83
CA ARG B 155 -15.28 -6.16 -10.85
C ARG B 155 -15.72 -7.41 -11.62
N PRO B 156 -15.87 -8.54 -10.94
CA PRO B 156 -16.30 -9.76 -11.62
C PRO B 156 -17.70 -9.56 -12.18
N ALA B 157 -18.00 -10.16 -13.33
CA ALA B 157 -19.34 -10.03 -13.90
C ALA B 157 -20.28 -10.74 -12.95
N GLY B 158 -21.32 -10.04 -12.52
CA GLY B 158 -22.27 -10.64 -11.59
C GLY B 158 -21.79 -10.53 -10.15
N PHE B 159 -20.91 -9.56 -9.89
CA PHE B 159 -20.37 -9.33 -8.56
C PHE B 159 -21.51 -8.95 -7.62
N VAL B 160 -21.47 -9.47 -6.41
CA VAL B 160 -22.50 -9.17 -5.43
C VAL B 160 -21.93 -8.35 -4.27
N CYS B 161 -22.22 -7.06 -4.28
CA CYS B 161 -21.79 -6.17 -3.22
C CYS B 161 -22.85 -6.27 -2.13
N PRO B 162 -22.44 -6.52 -0.89
CA PRO B 162 -23.39 -6.65 0.24
C PRO B 162 -24.27 -5.40 0.41
N SER B 163 -23.68 -4.23 0.17
CA SER B 163 -24.39 -2.96 0.31
C SER B 163 -24.76 -2.37 -1.06
N ALA B 164 -25.09 -3.24 -2.00
CA ALA B 164 -25.46 -2.83 -3.36
C ALA B 164 -26.61 -1.82 -3.43
N SER B 165 -27.59 -1.99 -2.54
CA SER B 165 -28.76 -1.10 -2.51
C SER B 165 -28.46 0.33 -2.06
N LYS B 166 -27.27 0.56 -1.54
CA LYS B 166 -26.87 1.88 -1.05
C LYS B 166 -25.95 2.65 -2.02
N ILE B 167 -25.66 2.05 -3.17
CA ILE B 167 -24.74 2.67 -4.12
C ILE B 167 -25.32 3.12 -5.47
N LYS B 168 -24.68 4.13 -6.05
CA LYS B 168 -25.00 4.68 -7.36
C LYS B 168 -23.64 4.96 -8.01
N SER B 169 -23.24 4.07 -8.91
CA SER B 169 -21.96 4.20 -9.61
C SER B 169 -22.17 4.75 -11.03
N TYR B 170 -21.72 5.98 -11.24
CA TYR B 170 -21.85 6.65 -12.54
C TYR B 170 -20.65 6.44 -13.46
N CYS B 171 -20.93 6.06 -14.70
CA CYS B 171 -19.88 5.80 -15.68
C CYS B 171 -20.41 5.83 -17.11
N ASP B 172 -19.83 6.70 -17.94
CA ASP B 172 -20.24 6.85 -19.33
C ASP B 172 -19.32 6.13 -20.31
N ALA B 173 -19.88 5.77 -21.47
CA ALA B 173 -19.17 5.04 -22.52
C ALA B 173 -17.82 5.57 -22.97
N ALA B 174 -17.70 6.89 -23.14
CA ALA B 174 -16.44 7.48 -23.58
C ALA B 174 -15.35 7.60 -22.52
N ASP B 175 -15.66 7.19 -21.30
CA ASP B 175 -14.70 7.26 -20.20
C ASP B 175 -13.62 6.19 -20.42
N PRO B 176 -12.34 6.59 -20.40
CA PRO B 176 -11.22 5.66 -20.61
C PRO B 176 -10.74 4.87 -19.39
N TYR B 177 -11.35 5.13 -18.23
CA TYR B 177 -10.94 4.46 -17.00
C TYR B 177 -11.98 3.52 -16.40
N CYS B 178 -13.23 3.98 -16.32
CA CYS B 178 -14.32 3.14 -15.80
C CYS B 178 -14.99 2.42 -16.96
N CYS B 179 -14.58 2.78 -18.17
CA CYS B 179 -15.12 2.17 -19.38
C CYS B 179 -13.98 2.02 -20.39
N THR B 180 -14.32 1.56 -21.60
CA THR B 180 -13.32 1.38 -22.65
C THR B 180 -13.29 2.55 -23.63
N GLY B 181 -13.56 3.75 -23.13
CA GLY B 181 -13.56 4.94 -23.97
C GLY B 181 -12.19 5.56 -24.22
N ASN B 182 -12.19 6.76 -24.80
CA ASN B 182 -10.95 7.46 -25.14
C ASN B 182 -10.98 8.96 -24.84
N ASP B 183 -12.03 9.41 -24.15
CA ASP B 183 -12.17 10.82 -23.84
C ASP B 183 -11.98 11.08 -22.34
N PRO B 184 -10.77 11.53 -21.95
CA PRO B 184 -10.44 11.83 -20.55
C PRO B 184 -11.32 12.92 -19.95
N ASN B 185 -11.83 13.82 -20.80
CA ASN B 185 -12.69 14.92 -20.36
C ASN B 185 -14.00 14.43 -19.75
N VAL B 186 -14.56 13.37 -20.33
CA VAL B 186 -15.81 12.79 -19.85
C VAL B 186 -15.65 12.29 -18.42
N HIS B 187 -14.44 11.80 -18.12
CA HIS B 187 -14.10 11.28 -16.80
C HIS B 187 -14.15 12.34 -15.70
N GLN B 188 -13.91 13.60 -16.08
CA GLN B 188 -13.89 14.71 -15.14
C GLN B 188 -15.18 15.53 -15.08
N GLY B 189 -16.25 15.06 -15.73
CA GLY B 189 -17.48 15.83 -15.72
C GLY B 189 -18.69 15.20 -15.06
N TYR B 190 -18.48 14.19 -14.22
CA TYR B 190 -19.60 13.51 -13.54
C TYR B 190 -20.32 14.36 -12.50
N GLY B 191 -19.58 15.25 -11.84
CA GLY B 191 -20.19 16.10 -10.83
C GLY B 191 -21.23 17.02 -11.43
N GLN B 192 -20.94 17.53 -12.62
CA GLN B 192 -21.84 18.45 -13.32
C GLN B 192 -22.97 17.68 -14.00
N GLU B 193 -22.64 16.54 -14.57
CA GLU B 193 -23.61 15.70 -15.28
C GLU B 193 -24.62 15.01 -14.37
N TYR B 194 -24.12 14.31 -13.35
CA TYR B 194 -24.98 13.55 -12.43
C TYR B 194 -25.08 14.09 -11.00
N GLY B 195 -24.60 15.31 -10.77
CA GLY B 195 -24.65 15.90 -9.45
C GLY B 195 -26.02 15.89 -8.78
N GLN B 196 -27.03 16.38 -9.50
CA GLN B 196 -28.39 16.43 -8.95
C GLN B 196 -29.01 15.05 -8.77
N GLN B 197 -28.66 14.11 -9.65
CA GLN B 197 -29.17 12.74 -9.56
C GLN B 197 -28.60 12.06 -8.34
N ALA B 198 -27.33 12.31 -8.07
CA ALA B 198 -26.66 11.73 -6.91
C ALA B 198 -27.29 12.28 -5.63
N LEU B 199 -27.54 13.60 -5.59
CA LEU B 199 -28.15 14.23 -4.44
C LEU B 199 -29.54 13.66 -4.18
N ALA B 200 -30.29 13.44 -5.25
CA ALA B 200 -31.64 12.88 -5.15
C ALA B 200 -31.63 11.48 -4.56
N PHE B 201 -30.62 10.69 -4.91
CA PHE B 201 -30.50 9.33 -4.39
C PHE B 201 -30.19 9.38 -2.90
N ILE B 202 -29.20 10.20 -2.53
CA ILE B 202 -28.80 10.36 -1.14
C ILE B 202 -30.00 10.81 -0.29
N ASN B 203 -30.78 11.74 -0.84
CA ASN B 203 -31.96 12.25 -0.15
C ASN B 203 -32.96 11.15 0.17
N SER B 204 -33.13 10.20 -0.76
CA SER B 204 -34.06 9.10 -0.54
C SER B 204 -33.49 8.02 0.38
N GLN B 205 -32.16 7.98 0.49
CA GLN B 205 -31.49 7.00 1.35
C GLN B 205 -31.45 7.47 2.80
N LEU B 206 -31.38 8.78 3.00
CA LEU B 206 -31.33 9.37 4.34
C LEU B 206 -32.69 9.35 5.04
C1 NAG C . 3.02 -11.08 -5.58
C2 NAG C . 2.27 -11.07 -6.90
C3 NAG C . 1.19 -9.93 -6.87
C4 NAG C . 0.31 -10.03 -5.61
C5 NAG C . 1.17 -10.09 -4.33
C6 NAG C . 0.30 -10.31 -3.09
C7 NAG C . 3.53 -11.73 -8.94
C8 NAG C . 4.55 -11.30 -9.97
N2 NAG C . 3.24 -10.84 -7.98
O3 NAG C . 0.37 -10.00 -8.01
O4 NAG C . -0.57 -8.93 -5.54
O5 NAG C . 2.13 -11.19 -4.47
O6 NAG C . 1.11 -10.44 -1.95
O7 NAG C . 3.01 -12.83 -9.00
C1 NAG D . -1.21 6.62 3.63
C2 NAG D . -0.35 6.33 4.86
C3 NAG D . -0.43 7.56 5.82
C4 NAG D . 0.02 8.84 5.07
C5 NAG D . -0.82 9.02 3.77
C6 NAG D . -0.34 10.20 2.92
C7 NAG D . -0.08 4.10 5.85
C8 NAG D . -0.77 2.92 6.50
N2 NAG D . -0.86 5.12 5.50
O3 NAG D . 0.38 7.40 6.96
O4 NAG D . -0.14 9.98 5.91
O5 NAG D . -0.74 7.81 2.97
O6 NAG D . -1.17 10.38 1.79
O7 NAG D . 1.14 4.11 5.67
#